data_1ID1
#
_entry.id   1ID1
#
_cell.length_a   65.51
_cell.length_b   65.51
_cell.length_c   110.24
_cell.angle_alpha   90
_cell.angle_beta   90
_cell.angle_gamma   90
#
_symmetry.space_group_name_H-M   'P 41'
#
loop_
_entity.id
_entity.type
_entity.pdbx_description
1 polymer 'PUTATIVE POTASSIUM CHANNEL PROTEIN'
2 water water
#
_entity_poly.entity_id   1
_entity_poly.type   'polypeptide(L)'
_entity_poly.pdbx_seq_one_letter_code
;HRKDHFIVCGHSILAINTILQLNQRGQNVTVISNLPEDDIKQLEQRLGDNADVIPGDSNDSSVLKKAGIDRCRAILALSD
NDADNAFVVLSAKDMSSDVKTVLAVSDSKNLNKIKMVHPDIILSPQLFGSEILARVLNGEEINNDMLVSMLLN
;
_entity_poly.pdbx_strand_id   A,B
#
# COMPACT_ATOMS: atom_id res chain seq x y z
N HIS A 1 12.88 19.57 -23.07
CA HIS A 1 12.94 18.33 -23.91
C HIS A 1 13.33 17.12 -23.06
N ARG A 2 12.32 16.35 -22.68
CA ARG A 2 12.52 15.16 -21.86
C ARG A 2 12.50 13.87 -22.69
N LYS A 3 13.39 12.95 -22.35
CA LYS A 3 13.49 11.68 -23.06
C LYS A 3 13.94 10.57 -22.11
N ASP A 4 13.57 9.33 -22.43
CA ASP A 4 13.91 8.15 -21.64
C ASP A 4 13.69 8.41 -20.15
N HIS A 5 12.66 9.19 -19.85
CA HIS A 5 12.35 9.56 -18.48
C HIS A 5 11.00 9.00 -18.03
N PHE A 6 10.67 9.24 -16.77
CA PHE A 6 9.38 8.82 -16.23
C PHE A 6 8.54 10.05 -15.94
N ILE A 7 7.27 9.98 -16.28
CA ILE A 7 6.34 11.08 -16.02
C ILE A 7 5.44 10.62 -14.88
N VAL A 8 5.41 11.38 -13.79
CA VAL A 8 4.55 11.04 -12.66
C VAL A 8 3.43 12.08 -12.51
N CYS A 9 2.19 11.61 -12.48
CA CYS A 9 1.06 12.53 -12.33
C CYS A 9 0.56 12.44 -10.91
N GLY A 10 0.62 13.56 -10.19
CA GLY A 10 0.12 13.54 -8.83
C GLY A 10 1.13 14.01 -7.83
N HIS A 11 0.66 14.34 -6.64
CA HIS A 11 1.53 14.79 -5.55
C HIS A 11 1.16 14.10 -4.24
N SER A 12 0.50 12.96 -4.35
CA SER A 12 0.13 12.19 -3.17
C SER A 12 1.43 11.61 -2.56
N ILE A 13 1.28 10.98 -1.40
CA ILE A 13 2.40 10.37 -0.68
C ILE A 13 3.02 9.25 -1.52
N LEU A 14 2.16 8.48 -2.18
CA LEU A 14 2.63 7.40 -3.04
C LEU A 14 3.46 8.00 -4.19
N ALA A 15 2.94 9.06 -4.82
CA ALA A 15 3.65 9.70 -5.93
C ALA A 15 5.01 10.28 -5.54
N ILE A 16 5.04 11.04 -4.44
CA ILE A 16 6.26 11.66 -3.96
C ILE A 16 7.34 10.63 -3.68
N ASN A 17 7.01 9.58 -2.91
CA ASN A 17 7.99 8.56 -2.62
C ASN A 17 8.43 7.77 -3.82
N THR A 18 7.56 7.67 -4.83
CA THR A 18 7.95 6.94 -6.04
C THR A 18 8.94 7.80 -6.82
N ILE A 19 8.71 9.12 -6.80
CA ILE A 19 9.59 10.03 -7.51
C ILE A 19 10.97 9.98 -6.86
N LEU A 20 11.00 10.03 -5.54
CA LEU A 20 12.24 9.99 -4.79
C LEU A 20 12.99 8.69 -5.03
N GLN A 21 12.27 7.56 -4.99
CA GLN A 21 12.89 6.26 -5.20
C GLN A 21 13.44 6.17 -6.62
N LEU A 22 12.76 6.82 -7.56
CA LEU A 22 13.23 6.81 -8.94
C LEU A 22 14.48 7.66 -9.08
N ASN A 23 14.50 8.81 -8.40
CA ASN A 23 15.68 9.67 -8.46
C ASN A 23 16.89 8.95 -7.86
N GLN A 24 16.67 8.28 -6.74
CA GLN A 24 17.71 7.51 -6.07
C GLN A 24 18.31 6.44 -6.96
N ARG A 25 17.55 5.96 -7.96
CA ARG A 25 18.09 4.93 -8.86
C ARG A 25 18.67 5.54 -10.13
N GLY A 26 18.91 6.84 -10.08
CA GLY A 26 19.47 7.54 -11.23
C GLY A 26 18.54 7.76 -12.39
N GLN A 27 17.23 7.68 -12.16
CA GLN A 27 16.28 7.88 -13.24
C GLN A 27 15.80 9.32 -13.32
N ASN A 28 15.48 9.78 -14.52
CA ASN A 28 14.96 11.14 -14.66
C ASN A 28 13.44 11.11 -14.53
N VAL A 29 12.90 12.05 -13.74
CA VAL A 29 11.46 12.11 -13.54
C VAL A 29 10.86 13.50 -13.78
N THR A 30 9.73 13.53 -14.47
CA THR A 30 9.01 14.76 -14.78
C THR A 30 7.66 14.62 -14.07
N VAL A 31 7.38 15.55 -13.16
CA VAL A 31 6.13 15.53 -12.41
C VAL A 31 5.14 16.56 -12.93
N ILE A 32 3.86 16.20 -12.91
CA ILE A 32 2.78 17.11 -13.32
C ILE A 32 1.89 17.25 -12.11
N SER A 33 1.71 18.48 -11.62
CA SER A 33 0.86 18.71 -10.46
C SER A 33 -0.12 19.88 -10.67
N ASN A 34 -1.35 19.68 -10.20
CA ASN A 34 -2.38 20.70 -10.33
C ASN A 34 -2.43 21.57 -9.08
N LEU A 35 -1.38 21.48 -8.27
CA LEU A 35 -1.31 22.27 -7.05
C LEU A 35 -1.18 23.76 -7.36
N PRO A 36 -1.56 24.62 -6.39
CA PRO A 36 -1.51 26.07 -6.51
C PRO A 36 -0.06 26.55 -6.65
N GLU A 37 0.12 27.74 -7.19
CA GLU A 37 1.45 28.32 -7.38
C GLU A 37 2.31 28.22 -6.13
N ASP A 38 1.70 28.50 -4.98
CA ASP A 38 2.40 28.46 -3.70
C ASP A 38 2.83 27.03 -3.33
N ASP A 39 1.93 26.08 -3.51
CA ASP A 39 2.18 24.67 -3.19
C ASP A 39 3.23 24.00 -4.07
N ILE A 40 3.28 24.39 -5.34
CA ILE A 40 4.27 23.82 -6.26
C ILE A 40 5.67 24.07 -5.73
N LYS A 41 5.85 25.20 -5.05
CA LYS A 41 7.14 25.59 -4.49
C LYS A 41 7.57 24.61 -3.39
N GLN A 42 6.65 24.37 -2.45
CA GLN A 42 6.92 23.46 -1.35
C GLN A 42 7.21 22.05 -1.87
N LEU A 43 6.60 21.71 -3.01
CA LEU A 43 6.78 20.39 -3.60
C LEU A 43 8.13 20.26 -4.29
N GLU A 44 8.51 21.29 -5.04
CA GLU A 44 9.80 21.27 -5.73
C GLU A 44 10.95 21.16 -4.73
N GLN A 45 10.79 21.79 -3.57
CA GLN A 45 11.82 21.74 -2.52
C GLN A 45 11.72 20.40 -1.79
N ARG A 46 10.50 19.87 -1.71
CA ARG A 46 10.23 18.59 -1.06
C ARG A 46 10.96 17.51 -1.87
N LEU A 47 11.10 17.74 -3.17
CA LEU A 47 11.74 16.79 -4.07
C LEU A 47 13.25 16.87 -4.19
N GLY A 48 13.79 18.07 -4.39
CA GLY A 48 15.23 18.19 -4.51
C GLY A 48 15.72 19.26 -5.46
N ASP A 49 16.99 19.14 -5.83
CA ASP A 49 17.61 20.11 -6.73
C ASP A 49 17.25 19.93 -8.20
N ASN A 50 17.19 18.69 -8.65
CA ASN A 50 16.86 18.41 -10.06
C ASN A 50 15.38 18.10 -10.25
N ALA A 51 14.53 18.88 -9.57
CA ALA A 51 13.08 18.70 -9.65
C ALA A 51 12.50 19.35 -10.90
N ASP A 52 11.83 18.55 -11.72
CA ASP A 52 11.22 19.01 -12.96
C ASP A 52 9.70 18.90 -12.82
N VAL A 53 9.11 19.87 -12.11
CA VAL A 53 7.68 19.92 -11.85
C VAL A 53 6.91 20.82 -12.82
N ILE A 54 6.09 20.22 -13.68
CA ILE A 54 5.29 20.99 -14.65
C ILE A 54 3.91 21.30 -14.08
N PRO A 55 3.69 22.54 -13.62
CA PRO A 55 2.38 22.92 -13.06
C PRO A 55 1.31 22.83 -14.15
N GLY A 56 0.29 22.02 -13.92
CA GLY A 56 -0.75 21.87 -14.91
C GLY A 56 -1.74 20.77 -14.60
N ASP A 57 -2.52 20.39 -15.62
CA ASP A 57 -3.54 19.35 -15.47
C ASP A 57 -3.20 18.17 -16.37
N SER A 58 -3.00 17.00 -15.77
CA SER A 58 -2.63 15.82 -16.56
C SER A 58 -3.77 15.22 -17.38
N ASN A 59 -4.99 15.69 -17.20
CA ASN A 59 -6.12 15.19 -17.98
C ASN A 59 -6.03 15.80 -19.38
N ASP A 60 -5.32 16.92 -19.49
CA ASP A 60 -5.11 17.63 -20.75
C ASP A 60 -3.93 17.04 -21.50
N SER A 61 -4.20 16.52 -22.69
CA SER A 61 -3.16 15.90 -23.51
C SER A 61 -2.04 16.83 -23.97
N SER A 62 -2.29 18.14 -24.02
CA SER A 62 -1.25 19.06 -24.44
C SER A 62 -0.16 19.14 -23.39
N VAL A 63 -0.52 19.03 -22.12
CA VAL A 63 0.49 19.08 -21.08
C VAL A 63 1.28 17.77 -21.12
N LEU A 64 0.58 16.67 -21.43
CA LEU A 64 1.24 15.38 -21.52
C LEU A 64 2.29 15.39 -22.63
N LYS A 65 1.95 15.98 -23.78
CA LYS A 65 2.89 16.04 -24.90
C LYS A 65 4.09 16.88 -24.49
N LYS A 66 3.79 17.99 -23.81
CA LYS A 66 4.81 18.89 -23.32
C LYS A 66 5.73 18.13 -22.36
N ALA A 67 5.14 17.39 -21.42
CA ALA A 67 5.91 16.61 -20.46
C ALA A 67 6.78 15.56 -21.15
N GLY A 68 6.48 15.26 -22.40
CA GLY A 68 7.30 14.32 -23.16
C GLY A 68 6.86 12.88 -23.22
N ILE A 69 5.56 12.62 -23.11
CA ILE A 69 5.05 11.25 -23.14
C ILE A 69 5.45 10.47 -24.37
N ASP A 70 5.88 11.18 -25.40
CA ASP A 70 6.30 10.54 -26.65
C ASP A 70 7.66 9.86 -26.53
N ARG A 71 8.47 10.30 -25.58
CA ARG A 71 9.81 9.75 -25.40
C ARG A 71 10.08 9.18 -24.00
N CYS A 72 9.04 9.02 -23.18
CA CYS A 72 9.24 8.52 -21.82
C CYS A 72 9.32 6.99 -21.77
N ARG A 73 9.74 6.48 -20.61
CA ARG A 73 9.85 5.03 -20.43
C ARG A 73 8.47 4.54 -20.00
N ALA A 74 7.74 5.41 -19.32
CA ALA A 74 6.39 5.08 -18.84
C ALA A 74 5.77 6.29 -18.18
N ILE A 75 4.44 6.26 -18.06
CA ILE A 75 3.74 7.35 -17.40
C ILE A 75 3.08 6.70 -16.19
N LEU A 76 3.16 7.38 -15.05
CA LEU A 76 2.61 6.89 -13.79
C LEU A 76 1.49 7.78 -13.24
N ALA A 77 0.28 7.21 -13.19
CA ALA A 77 -0.92 7.90 -12.67
C ALA A 77 -1.00 7.56 -11.19
N LEU A 78 -0.48 8.43 -10.35
CA LEU A 78 -0.39 8.15 -8.92
C LEU A 78 -1.07 9.12 -7.97
N SER A 79 -2.12 9.80 -8.41
CA SER A 79 -2.77 10.72 -7.50
C SER A 79 -3.81 10.03 -6.63
N ASP A 80 -4.33 10.76 -5.66
CA ASP A 80 -5.37 10.26 -4.76
C ASP A 80 -6.78 10.31 -5.36
N ASN A 81 -6.89 10.59 -6.66
CA ASN A 81 -8.19 10.62 -7.32
C ASN A 81 -8.15 9.54 -8.40
N ASP A 82 -8.94 8.49 -8.24
CA ASP A 82 -8.92 7.41 -9.22
C ASP A 82 -9.54 7.75 -10.55
N ALA A 83 -10.41 8.76 -10.56
CA ALA A 83 -11.04 9.19 -11.79
C ALA A 83 -9.93 9.84 -12.65
N ASP A 84 -9.15 10.75 -12.05
CA ASP A 84 -8.03 11.36 -12.78
C ASP A 84 -6.99 10.31 -13.23
N ASN A 85 -6.69 9.32 -12.38
CA ASN A 85 -5.71 8.29 -12.78
C ASN A 85 -6.21 7.49 -14.00
N ALA A 86 -7.49 7.12 -13.97
CA ALA A 86 -8.09 6.36 -15.06
C ALA A 86 -8.03 7.15 -16.37
N PHE A 87 -8.24 8.46 -16.25
CA PHE A 87 -8.24 9.34 -17.41
C PHE A 87 -6.82 9.54 -17.96
N VAL A 88 -5.85 9.75 -17.07
CA VAL A 88 -4.45 9.92 -17.48
C VAL A 88 -4.12 8.72 -18.34
N VAL A 89 -4.54 7.55 -17.90
CA VAL A 89 -4.27 6.35 -18.68
C VAL A 89 -4.96 6.40 -20.05
N LEU A 90 -6.23 6.81 -20.07
CA LEU A 90 -6.97 6.92 -21.33
C LEU A 90 -6.28 7.89 -22.28
N SER A 91 -5.98 9.08 -21.80
CA SER A 91 -5.32 10.09 -22.61
C SER A 91 -4.07 9.51 -23.27
N ALA A 92 -3.22 8.88 -22.46
CA ALA A 92 -1.97 8.29 -22.93
C ALA A 92 -2.19 7.23 -24.00
N LYS A 93 -3.15 6.34 -23.78
CA LYS A 93 -3.44 5.30 -24.76
C LYS A 93 -3.94 5.95 -26.06
N ASP A 94 -4.53 7.14 -25.93
CA ASP A 94 -5.07 7.86 -27.08
C ASP A 94 -3.99 8.67 -27.82
N MET A 95 -2.85 8.89 -27.17
CA MET A 95 -1.80 9.65 -27.82
C MET A 95 -0.78 8.76 -28.52
N SER A 96 -0.17 7.85 -27.78
CA SER A 96 0.83 6.98 -28.39
C SER A 96 0.38 5.56 -28.63
N SER A 97 -0.15 4.91 -27.59
CA SER A 97 -0.61 3.52 -27.66
C SER A 97 0.44 2.58 -27.07
N ASP A 98 1.65 2.66 -27.61
CA ASP A 98 2.76 1.84 -27.16
C ASP A 98 3.40 2.33 -25.85
N VAL A 99 2.96 3.49 -25.36
CA VAL A 99 3.50 4.02 -24.11
C VAL A 99 3.08 3.16 -22.92
N LYS A 100 4.01 2.89 -22.01
CA LYS A 100 3.67 2.05 -20.88
C LYS A 100 3.01 2.87 -19.78
N THR A 101 1.92 2.34 -19.26
CA THR A 101 1.17 3.02 -18.20
C THR A 101 1.09 2.23 -16.91
N VAL A 102 1.19 2.96 -15.82
CA VAL A 102 1.15 2.42 -14.49
C VAL A 102 0.10 3.21 -13.75
N LEU A 103 -0.77 2.51 -13.02
CA LEU A 103 -1.85 3.17 -12.30
C LEU A 103 -1.99 2.63 -10.90
N ALA A 104 -2.05 3.52 -9.92
CA ALA A 104 -2.24 3.13 -8.52
C ALA A 104 -3.68 3.46 -8.16
N VAL A 105 -4.34 2.63 -7.36
CA VAL A 105 -5.72 2.91 -7.00
C VAL A 105 -5.74 3.46 -5.58
N SER A 106 -6.52 4.51 -5.37
CA SER A 106 -6.64 5.12 -4.04
C SER A 106 -7.65 4.32 -3.23
N ASP A 107 -8.76 3.97 -3.89
CA ASP A 107 -9.84 3.20 -3.28
C ASP A 107 -9.90 1.80 -3.88
N SER A 108 -9.54 0.80 -3.09
CA SER A 108 -9.53 -0.58 -3.56
C SER A 108 -10.83 -1.01 -4.24
N LYS A 109 -11.92 -0.32 -3.90
CA LYS A 109 -13.24 -0.63 -4.45
C LYS A 109 -13.28 -0.41 -5.97
N ASN A 110 -12.51 0.56 -6.44
CA ASN A 110 -12.45 0.90 -7.85
C ASN A 110 -11.58 -0.01 -8.72
N LEU A 111 -10.94 -0.99 -8.10
CA LEU A 111 -10.03 -1.87 -8.84
C LEU A 111 -10.61 -2.46 -10.12
N ASN A 112 -11.79 -3.05 -10.05
CA ASN A 112 -12.41 -3.64 -11.24
C ASN A 112 -12.73 -2.58 -12.29
N LYS A 113 -13.04 -1.37 -11.83
CA LYS A 113 -13.35 -0.30 -12.76
C LYS A 113 -12.11 0.04 -13.58
N ILE A 114 -11.00 0.37 -12.92
CA ILE A 114 -9.79 0.73 -13.64
C ILE A 114 -9.27 -0.42 -14.51
N LYS A 115 -9.59 -1.66 -14.15
CA LYS A 115 -9.18 -2.78 -14.99
C LYS A 115 -9.68 -2.51 -16.40
N MET A 116 -10.82 -1.83 -16.50
CA MET A 116 -11.45 -1.53 -17.79
C MET A 116 -10.68 -0.55 -18.68
N VAL A 117 -9.78 0.25 -18.13
CA VAL A 117 -9.02 1.17 -18.98
C VAL A 117 -7.71 0.52 -19.44
N HIS A 118 -7.53 -0.74 -19.04
CA HIS A 118 -6.36 -1.55 -19.43
C HIS A 118 -4.93 -1.04 -19.24
N PRO A 119 -4.59 -0.59 -18.03
CA PRO A 119 -3.22 -0.12 -17.81
C PRO A 119 -2.24 -1.30 -17.85
N ASP A 120 -0.99 -1.06 -18.22
CA ASP A 120 -0.01 -2.15 -18.26
C ASP A 120 0.27 -2.66 -16.84
N ILE A 121 0.34 -1.74 -15.87
CA ILE A 121 0.59 -2.11 -14.49
C ILE A 121 -0.42 -1.46 -13.55
N ILE A 122 -0.91 -2.23 -12.58
CA ILE A 122 -1.85 -1.75 -11.58
C ILE A 122 -1.32 -1.99 -10.18
N LEU A 123 -1.34 -0.95 -9.36
CA LEU A 123 -0.89 -1.09 -7.98
C LEU A 123 -1.92 -0.61 -6.95
N SER A 124 -2.54 -1.56 -6.23
CA SER A 124 -3.45 -1.17 -5.15
C SER A 124 -2.64 -1.40 -3.87
N PRO A 125 -2.13 -0.30 -3.27
CA PRO A 125 -1.32 -0.39 -2.06
C PRO A 125 -1.88 -1.24 -0.93
N GLN A 126 -3.19 -1.22 -0.74
CA GLN A 126 -3.80 -2.00 0.34
C GLN A 126 -3.91 -3.49 0.05
N LEU A 127 -4.26 -3.83 -1.18
CA LEU A 127 -4.39 -5.23 -1.54
C LEU A 127 -3.03 -5.88 -1.78
N PHE A 128 -2.13 -5.15 -2.43
CA PHE A 128 -0.80 -5.67 -2.70
C PHE A 128 -0.13 -5.97 -1.37
N GLY A 129 -0.18 -5.00 -0.45
CA GLY A 129 0.45 -5.20 0.84
C GLY A 129 -0.18 -6.26 1.72
N SER A 130 -1.49 -6.43 1.61
CA SER A 130 -2.16 -7.42 2.43
C SER A 130 -1.83 -8.80 1.90
N GLU A 131 -1.76 -8.96 0.58
CA GLU A 131 -1.44 -10.28 0.00
C GLU A 131 -0.01 -10.71 0.33
N ILE A 132 0.91 -9.76 0.29
CA ILE A 132 2.30 -10.07 0.60
C ILE A 132 2.44 -10.42 2.07
N LEU A 133 1.74 -9.66 2.92
CA LEU A 133 1.77 -9.90 4.36
C LEU A 133 1.27 -11.31 4.65
N ALA A 134 0.15 -11.69 4.02
CA ALA A 134 -0.42 -13.01 4.20
C ALA A 134 0.59 -14.11 3.87
N ARG A 135 1.25 -14.00 2.71
CA ARG A 135 2.25 -15.00 2.33
C ARG A 135 3.44 -15.06 3.29
N VAL A 136 4.07 -13.91 3.53
CA VAL A 136 5.21 -13.85 4.43
C VAL A 136 4.90 -14.41 5.82
N LEU A 137 3.73 -14.11 6.36
CA LEU A 137 3.38 -14.61 7.67
C LEU A 137 3.09 -16.10 7.61
N ASN A 138 2.69 -16.57 6.44
CA ASN A 138 2.39 -17.98 6.24
C ASN A 138 3.67 -18.78 5.95
N GLY A 139 4.82 -18.12 6.01
CA GLY A 139 6.08 -18.78 5.75
C GLY A 139 6.35 -19.08 4.28
N GLU A 140 5.45 -18.66 3.39
CA GLU A 140 5.65 -18.89 1.97
C GLU A 140 6.73 -17.96 1.45
N GLU A 141 7.48 -18.42 0.45
CA GLU A 141 8.53 -17.59 -0.12
C GLU A 141 8.00 -16.97 -1.39
N ILE A 142 8.20 -15.67 -1.54
CA ILE A 142 7.74 -14.96 -2.71
C ILE A 142 8.93 -14.65 -3.63
N ASN A 143 8.96 -15.28 -4.80
CA ASN A 143 10.06 -15.04 -5.71
C ASN A 143 9.71 -13.85 -6.59
N ASN A 144 10.65 -13.45 -7.43
CA ASN A 144 10.42 -12.32 -8.31
C ASN A 144 9.27 -12.50 -9.30
N ASP A 145 9.08 -13.72 -9.80
CA ASP A 145 7.99 -13.96 -10.75
C ASP A 145 6.62 -13.82 -10.08
N MET A 146 6.54 -14.15 -8.80
CA MET A 146 5.27 -14.03 -8.09
C MET A 146 4.96 -12.55 -7.85
N LEU A 147 5.98 -11.80 -7.48
CA LEU A 147 5.81 -10.38 -7.22
C LEU A 147 5.33 -9.64 -8.47
N VAL A 148 6.09 -9.76 -9.57
CA VAL A 148 5.73 -9.08 -10.81
C VAL A 148 4.34 -9.48 -11.30
N SER A 149 3.95 -10.72 -11.02
CA SER A 149 2.65 -11.23 -11.41
C SER A 149 1.49 -10.48 -10.71
N MET A 150 1.75 -9.96 -9.52
CA MET A 150 0.74 -9.23 -8.76
C MET A 150 0.64 -7.78 -9.22
N LEU A 151 1.56 -7.38 -10.09
CA LEU A 151 1.60 -6.01 -10.60
C LEU A 151 1.14 -5.88 -12.03
N LEU A 152 1.56 -6.84 -12.86
CA LEU A 152 1.22 -6.85 -14.27
C LEU A 152 -0.23 -7.21 -14.49
N ASN A 153 -0.90 -6.39 -15.30
CA ASN A 153 -2.30 -6.58 -15.65
C ASN A 153 -2.42 -7.18 -17.05
N ARG B 2 -8.92 -21.71 19.90
CA ARG B 2 -8.11 -20.55 19.43
C ARG B 2 -6.64 -20.75 19.72
N LYS B 3 -5.97 -21.56 18.90
CA LYS B 3 -4.55 -21.84 19.06
C LYS B 3 -3.89 -21.76 17.69
N ASP B 4 -2.56 -21.65 17.67
CA ASP B 4 -1.78 -21.55 16.43
C ASP B 4 -2.54 -20.78 15.35
N HIS B 5 -3.07 -19.62 15.71
CA HIS B 5 -3.85 -18.82 14.78
C HIS B 5 -3.34 -17.38 14.69
N PHE B 6 -4.04 -16.57 13.90
CA PHE B 6 -3.67 -15.15 13.76
C PHE B 6 -4.80 -14.31 14.30
N ILE B 7 -4.42 -13.20 14.94
CA ILE B 7 -5.37 -12.27 15.50
C ILE B 7 -5.21 -10.93 14.80
N VAL B 8 -6.29 -10.48 14.15
CA VAL B 8 -6.28 -9.21 13.45
C VAL B 8 -7.13 -8.19 14.22
N CYS B 9 -6.51 -7.08 14.58
CA CYS B 9 -7.22 -6.00 15.29
C CYS B 9 -7.50 -4.90 14.27
N GLY B 10 -8.78 -4.69 13.97
CA GLY B 10 -9.16 -3.67 13.01
C GLY B 10 -10.16 -4.18 12.00
N HIS B 11 -10.78 -3.26 11.26
CA HIS B 11 -11.74 -3.65 10.23
C HIS B 11 -11.61 -2.75 9.02
N SER B 12 -10.43 -2.18 8.87
CA SER B 12 -10.12 -1.33 7.73
C SER B 12 -10.04 -2.21 6.48
N ILE B 13 -9.87 -1.57 5.32
CA ILE B 13 -9.75 -2.28 4.07
C ILE B 13 -8.54 -3.19 4.08
N LEU B 14 -7.43 -2.68 4.61
CA LEU B 14 -6.22 -3.48 4.67
C LEU B 14 -6.45 -4.71 5.56
N ALA B 15 -7.13 -4.51 6.69
CA ALA B 15 -7.44 -5.58 7.62
C ALA B 15 -8.27 -6.70 7.01
N ILE B 16 -9.36 -6.32 6.38
CA ILE B 16 -10.27 -7.27 5.75
C ILE B 16 -9.58 -8.10 4.64
N ASN B 17 -8.79 -7.46 3.82
CA ASN B 17 -8.13 -8.22 2.79
C ASN B 17 -7.00 -9.09 3.33
N THR B 18 -6.39 -8.68 4.45
CA THR B 18 -5.34 -9.51 5.02
C THR B 18 -5.99 -10.76 5.63
N ILE B 19 -7.18 -10.59 6.21
CA ILE B 19 -7.89 -11.71 6.80
C ILE B 19 -8.30 -12.68 5.69
N LEU B 20 -8.92 -12.14 4.63
CA LEU B 20 -9.32 -12.95 3.48
C LEU B 20 -8.11 -13.70 2.90
N GLN B 21 -7.00 -13.00 2.69
CA GLN B 21 -5.80 -13.63 2.15
C GLN B 21 -5.27 -14.72 3.08
N LEU B 22 -5.33 -14.49 4.38
CA LEU B 22 -4.87 -15.49 5.34
C LEU B 22 -5.81 -16.70 5.30
N ASN B 23 -7.12 -16.49 5.19
CA ASN B 23 -8.04 -17.62 5.12
C ASN B 23 -7.78 -18.42 3.84
N GLN B 24 -7.68 -17.75 2.70
CA GLN B 24 -7.41 -18.44 1.45
C GLN B 24 -6.16 -19.30 1.54
N ARG B 25 -5.20 -18.90 2.37
CA ARG B 25 -3.97 -19.69 2.52
C ARG B 25 -4.22 -20.82 3.53
N GLY B 26 -5.46 -20.92 4.00
CA GLY B 26 -5.80 -21.95 4.95
C GLY B 26 -5.54 -21.65 6.42
N GLN B 27 -5.17 -20.42 6.75
CA GLN B 27 -4.90 -20.08 8.15
C GLN B 27 -6.15 -19.61 8.92
N ASN B 28 -6.20 -19.98 10.19
CA ASN B 28 -7.31 -19.54 11.04
C ASN B 28 -7.06 -18.11 11.54
N VAL B 29 -8.11 -17.29 11.56
CA VAL B 29 -7.98 -15.93 12.03
C VAL B 29 -9.08 -15.47 12.97
N THR B 30 -8.68 -14.80 14.06
CA THR B 30 -9.63 -14.24 15.03
C THR B 30 -9.56 -12.73 14.88
N VAL B 31 -10.70 -12.13 14.55
CA VAL B 31 -10.82 -10.70 14.34
C VAL B 31 -11.48 -9.98 15.51
N ILE B 32 -10.86 -8.88 15.94
CA ILE B 32 -11.39 -8.06 17.03
C ILE B 32 -11.69 -6.68 16.47
N SER B 33 -12.91 -6.21 16.66
CA SER B 33 -13.27 -4.87 16.17
C SER B 33 -14.23 -4.16 17.14
N ASN B 34 -14.26 -2.84 17.05
CA ASN B 34 -15.11 -2.00 17.90
C ASN B 34 -16.40 -1.56 17.19
N LEU B 35 -16.75 -2.27 16.11
CA LEU B 35 -17.96 -1.95 15.38
C LEU B 35 -19.23 -2.27 16.18
N PRO B 36 -20.32 -1.51 15.95
CA PRO B 36 -21.63 -1.68 16.60
C PRO B 36 -22.29 -2.99 16.18
N GLU B 37 -23.05 -3.60 17.09
CA GLU B 37 -23.73 -4.87 16.83
C GLU B 37 -24.12 -5.10 15.37
N ASP B 38 -24.78 -4.12 14.76
CA ASP B 38 -25.23 -4.23 13.38
C ASP B 38 -24.08 -4.37 12.38
N ASP B 39 -23.09 -3.49 12.51
CA ASP B 39 -21.93 -3.50 11.62
C ASP B 39 -21.13 -4.79 11.77
N ILE B 40 -21.11 -5.35 12.98
CA ILE B 40 -20.39 -6.59 13.24
C ILE B 40 -20.97 -7.69 12.36
N LYS B 41 -22.30 -7.76 12.31
CA LYS B 41 -23.00 -8.75 11.51
C LYS B 41 -22.61 -8.66 10.04
N GLN B 42 -22.61 -7.44 9.51
CA GLN B 42 -22.26 -7.21 8.11
C GLN B 42 -20.82 -7.62 7.84
N LEU B 43 -19.96 -7.46 8.84
CA LEU B 43 -18.54 -7.80 8.74
C LEU B 43 -18.34 -9.31 8.70
N GLU B 44 -19.09 -10.03 9.52
CA GLU B 44 -18.99 -11.48 9.54
C GLU B 44 -19.40 -12.06 8.19
N GLN B 45 -20.41 -11.47 7.56
CA GLN B 45 -20.89 -11.95 6.28
C GLN B 45 -19.91 -11.66 5.14
N ARG B 46 -19.07 -10.63 5.32
CA ARG B 46 -18.09 -10.27 4.30
C ARG B 46 -16.86 -11.15 4.44
N LEU B 47 -16.71 -11.78 5.60
CA LEU B 47 -15.57 -12.65 5.87
C LEU B 47 -15.83 -14.14 5.69
N GLY B 48 -17.01 -14.49 5.18
CA GLY B 48 -17.32 -15.89 4.98
C GLY B 48 -17.84 -16.62 6.20
N ASP B 49 -18.07 -17.92 6.04
CA ASP B 49 -18.61 -18.78 7.10
C ASP B 49 -17.69 -19.08 8.28
N ASN B 50 -16.38 -18.90 8.10
CA ASN B 50 -15.44 -19.16 9.19
C ASN B 50 -15.26 -17.94 10.10
N ALA B 51 -15.94 -16.85 9.76
CA ALA B 51 -15.85 -15.59 10.49
C ALA B 51 -15.90 -15.63 12.03
N ASP B 52 -14.72 -15.65 12.66
CA ASP B 52 -14.62 -15.65 14.11
C ASP B 52 -14.36 -14.20 14.57
N VAL B 53 -15.45 -13.44 14.73
CA VAL B 53 -15.37 -12.04 15.12
C VAL B 53 -15.73 -11.73 16.58
N ILE B 54 -14.75 -11.30 17.36
CA ILE B 54 -14.95 -10.94 18.76
C ILE B 54 -15.18 -9.43 18.93
N PRO B 55 -16.45 -8.99 19.05
CA PRO B 55 -16.71 -7.55 19.23
C PRO B 55 -16.14 -7.10 20.57
N GLY B 56 -15.19 -6.17 20.54
CA GLY B 56 -14.60 -5.71 21.78
C GLY B 56 -13.61 -4.58 21.59
N ASP B 57 -12.72 -4.41 22.55
CA ASP B 57 -11.72 -3.35 22.48
C ASP B 57 -10.32 -3.93 22.53
N SER B 58 -9.60 -3.78 21.42
CA SER B 58 -8.23 -4.28 21.28
C SER B 58 -7.27 -3.73 22.33
N ASN B 59 -7.55 -2.55 22.87
CA ASN B 59 -6.67 -1.94 23.86
C ASN B 59 -6.79 -2.59 25.24
N ASP B 60 -7.88 -3.33 25.43
CA ASP B 60 -8.15 -4.04 26.67
C ASP B 60 -7.46 -5.40 26.59
N SER B 61 -6.42 -5.59 27.38
CA SER B 61 -5.66 -6.83 27.42
C SER B 61 -6.49 -8.09 27.76
N SER B 62 -7.69 -7.89 28.30
CA SER B 62 -8.54 -9.02 28.65
C SER B 62 -9.22 -9.56 27.41
N VAL B 63 -9.50 -8.70 26.43
CA VAL B 63 -10.15 -9.18 25.20
C VAL B 63 -9.06 -9.87 24.39
N LEU B 64 -7.82 -9.41 24.55
CA LEU B 64 -6.71 -10.02 23.86
C LEU B 64 -6.53 -11.45 24.37
N LYS B 65 -6.69 -11.66 25.67
CA LYS B 65 -6.56 -13.00 26.25
C LYS B 65 -7.71 -13.90 25.75
N LYS B 66 -8.88 -13.30 25.66
CA LYS B 66 -10.09 -13.96 25.17
C LYS B 66 -9.86 -14.39 23.70
N ALA B 67 -9.11 -13.57 22.97
CA ALA B 67 -8.82 -13.84 21.56
C ALA B 67 -7.74 -14.88 21.39
N GLY B 68 -7.02 -15.17 22.48
CA GLY B 68 -5.97 -16.17 22.44
C GLY B 68 -4.58 -15.73 22.04
N ILE B 69 -4.13 -14.57 22.51
CA ILE B 69 -2.79 -14.11 22.15
C ILE B 69 -1.70 -14.99 22.75
N ASP B 70 -2.04 -15.74 23.80
CA ASP B 70 -1.06 -16.60 24.44
C ASP B 70 -0.69 -17.78 23.55
N ARG B 71 -1.57 -18.09 22.61
CA ARG B 71 -1.37 -19.22 21.71
C ARG B 71 -1.47 -18.85 20.22
N CYS B 72 -1.27 -17.58 19.86
CA CYS B 72 -1.38 -17.18 18.46
C CYS B 72 -0.03 -17.23 17.74
N ARG B 73 -0.07 -17.13 16.41
CA ARG B 73 1.13 -17.15 15.57
C ARG B 73 1.71 -15.74 15.59
N ALA B 74 0.82 -14.76 15.59
CA ALA B 74 1.23 -13.36 15.59
C ALA B 74 -0.03 -12.57 15.75
N ILE B 75 0.11 -11.32 16.20
CA ILE B 75 -1.03 -10.43 16.34
C ILE B 75 -0.76 -9.30 15.36
N LEU B 76 -1.80 -8.93 14.62
CA LEU B 76 -1.71 -7.89 13.61
C LEU B 76 -2.58 -6.67 13.92
N ALA B 77 -1.93 -5.50 13.99
CA ALA B 77 -2.59 -4.22 14.28
C ALA B 77 -2.83 -3.52 12.95
N LEU B 78 -4.02 -3.68 12.38
CA LEU B 78 -4.29 -3.14 11.07
C LEU B 78 -5.46 -2.17 10.95
N SER B 79 -5.80 -1.45 12.00
CA SER B 79 -6.90 -0.49 11.88
C SER B 79 -6.42 0.84 11.25
N ASP B 80 -7.37 1.73 10.98
CA ASP B 80 -7.05 3.03 10.41
C ASP B 80 -6.69 4.08 11.46
N ASN B 81 -6.45 3.64 12.71
CA ASN B 81 -6.08 4.55 13.77
C ASN B 81 -4.71 4.13 14.30
N ASP B 82 -3.69 4.93 14.03
CA ASP B 82 -2.34 4.59 14.48
C ASP B 82 -2.16 4.54 15.99
N ALA B 83 -2.99 5.26 16.74
CA ALA B 83 -2.84 5.23 18.19
C ALA B 83 -3.23 3.84 18.66
N ASP B 84 -4.39 3.40 18.23
CA ASP B 84 -4.87 2.07 18.57
C ASP B 84 -3.90 0.96 18.14
N ASN B 85 -3.26 1.10 16.97
CA ASN B 85 -2.32 0.06 16.52
C ASN B 85 -1.07 0.03 17.39
N ALA B 86 -0.60 1.20 17.80
CA ALA B 86 0.60 1.27 18.63
C ALA B 86 0.29 0.70 20.02
N PHE B 87 -0.93 0.92 20.49
CA PHE B 87 -1.30 0.45 21.83
C PHE B 87 -1.44 -1.08 21.83
N VAL B 88 -2.07 -1.61 20.78
CA VAL B 88 -2.19 -3.05 20.64
C VAL B 88 -0.79 -3.66 20.78
N VAL B 89 0.18 -3.09 20.07
CA VAL B 89 1.54 -3.63 20.13
C VAL B 89 2.05 -3.60 21.55
N LEU B 90 1.94 -2.45 22.22
CA LEU B 90 2.39 -2.31 23.60
C LEU B 90 1.70 -3.34 24.48
N SER B 91 0.38 -3.45 24.33
CA SER B 91 -0.38 -4.43 25.10
C SER B 91 0.23 -5.83 24.93
N ALA B 92 0.45 -6.23 23.69
CA ALA B 92 1.01 -7.55 23.40
C ALA B 92 2.38 -7.77 24.04
N LYS B 93 3.22 -6.75 24.03
CA LYS B 93 4.56 -6.89 24.61
C LYS B 93 4.52 -6.94 26.13
N ASP B 94 3.35 -6.60 26.68
CA ASP B 94 3.17 -6.61 28.12
C ASP B 94 2.69 -7.98 28.61
N MET B 95 2.19 -8.80 27.70
CA MET B 95 1.70 -10.12 28.06
C MET B 95 2.67 -11.26 27.78
N SER B 96 2.96 -11.49 26.51
CA SER B 96 3.85 -12.60 26.13
C SER B 96 5.31 -12.26 25.90
N SER B 97 5.57 -11.07 25.38
CA SER B 97 6.94 -10.62 25.08
C SER B 97 7.63 -11.62 24.15
N ASP B 98 6.85 -12.60 23.68
CA ASP B 98 7.34 -13.61 22.77
C ASP B 98 6.41 -13.62 21.55
N VAL B 99 5.27 -12.96 21.68
CA VAL B 99 4.29 -12.90 20.59
C VAL B 99 4.71 -11.92 19.47
N LYS B 100 4.74 -12.44 18.23
CA LYS B 100 5.14 -11.69 17.05
C LYS B 100 4.14 -10.57 16.76
N THR B 101 4.63 -9.33 16.63
CA THR B 101 3.76 -8.20 16.37
C THR B 101 3.90 -7.60 14.98
N VAL B 102 2.76 -7.32 14.38
CA VAL B 102 2.71 -6.77 13.04
C VAL B 102 1.87 -5.51 13.07
N LEU B 103 2.41 -4.42 12.52
CA LEU B 103 1.70 -3.15 12.53
C LEU B 103 1.69 -2.44 11.18
N ALA B 104 0.52 -2.00 10.75
CA ALA B 104 0.39 -1.28 9.49
C ALA B 104 0.12 0.20 9.78
N VAL B 105 0.92 1.09 9.21
CA VAL B 105 0.76 2.52 9.44
C VAL B 105 -0.35 3.09 8.57
N SER B 106 -1.30 3.77 9.20
CA SER B 106 -2.42 4.39 8.48
C SER B 106 -1.96 5.71 7.88
N ASP B 107 -1.19 6.47 8.67
CA ASP B 107 -0.68 7.77 8.23
C ASP B 107 0.83 7.71 8.21
N SER B 108 1.40 7.84 7.01
CA SER B 108 2.85 7.79 6.81
C SER B 108 3.63 8.72 7.72
N LYS B 109 3.03 9.85 8.10
CA LYS B 109 3.71 10.79 8.99
C LYS B 109 3.95 10.21 10.38
N ASN B 110 3.20 9.16 10.75
CA ASN B 110 3.36 8.56 12.07
C ASN B 110 4.41 7.46 12.13
N LEU B 111 5.12 7.26 11.01
CA LEU B 111 6.10 6.18 10.95
C LEU B 111 7.12 6.22 12.06
N ASN B 112 7.80 7.34 12.19
CA ASN B 112 8.84 7.50 13.22
C ASN B 112 8.35 7.26 14.63
N LYS B 113 7.18 7.78 14.96
CA LYS B 113 6.68 7.57 16.28
C LYS B 113 6.23 6.12 16.54
N ILE B 114 5.83 5.36 15.52
CA ILE B 114 5.40 4.00 15.82
C ILE B 114 6.58 3.03 15.95
N LYS B 115 7.74 3.41 15.43
CA LYS B 115 8.92 2.55 15.56
C LYS B 115 9.36 2.50 17.02
N MET B 116 8.96 3.53 17.78
CA MET B 116 9.31 3.61 19.20
C MET B 116 8.65 2.53 20.05
N VAL B 117 7.58 1.90 19.54
CA VAL B 117 6.93 0.82 20.28
C VAL B 117 7.50 -0.55 19.82
N HIS B 118 8.51 -0.48 18.96
CA HIS B 118 9.24 -1.64 18.44
C HIS B 118 8.46 -2.87 17.95
N PRO B 119 7.58 -2.71 16.96
CA PRO B 119 6.85 -3.91 16.50
C PRO B 119 7.81 -4.79 15.69
N ASP B 120 7.56 -6.09 15.62
CA ASP B 120 8.44 -6.98 14.83
C ASP B 120 8.35 -6.68 13.33
N ILE B 121 7.17 -6.35 12.83
CA ILE B 121 7.00 -6.05 11.43
C ILE B 121 6.20 -4.76 11.23
N ILE B 122 6.67 -3.92 10.33
CA ILE B 122 6.00 -2.67 10.04
C ILE B 122 5.66 -2.61 8.56
N LEU B 123 4.37 -2.47 8.26
CA LEU B 123 3.95 -2.34 6.88
C LEU B 123 3.41 -0.92 6.65
N SER B 124 4.12 -0.15 5.84
CA SER B 124 3.72 1.21 5.47
C SER B 124 3.30 0.99 4.00
N PRO B 125 1.99 0.78 3.75
CA PRO B 125 1.51 0.51 2.40
C PRO B 125 1.92 1.41 1.25
N GLN B 126 1.95 2.72 1.50
CA GLN B 126 2.32 3.69 0.47
C GLN B 126 3.81 3.64 0.18
N LEU B 127 4.63 3.52 1.22
CA LEU B 127 6.07 3.46 1.05
C LEU B 127 6.50 2.12 0.45
N PHE B 128 5.92 1.05 0.94
CA PHE B 128 6.26 -0.28 0.46
C PHE B 128 5.95 -0.39 -1.04
N GLY B 129 4.72 -0.02 -1.39
CA GLY B 129 4.29 -0.06 -2.78
C GLY B 129 5.09 0.84 -3.70
N SER B 130 5.38 2.06 -3.27
CA SER B 130 6.14 2.98 -4.10
C SER B 130 7.57 2.44 -4.28
N GLU B 131 8.15 1.89 -3.21
CA GLU B 131 9.50 1.38 -3.36
C GLU B 131 9.56 0.20 -4.32
N ILE B 132 8.55 -0.67 -4.26
CA ILE B 132 8.54 -1.82 -5.16
C ILE B 132 8.33 -1.41 -6.61
N LEU B 133 7.53 -0.37 -6.81
CA LEU B 133 7.29 0.14 -8.15
C LEU B 133 8.62 0.64 -8.71
N ALA B 134 9.30 1.49 -7.94
CA ALA B 134 10.60 2.04 -8.33
C ALA B 134 11.54 0.90 -8.75
N ARG B 135 11.72 -0.09 -7.87
CA ARG B 135 12.57 -1.24 -8.17
C ARG B 135 12.23 -1.90 -9.51
N VAL B 136 10.97 -2.30 -9.67
CA VAL B 136 10.51 -2.96 -10.88
C VAL B 136 10.68 -2.10 -12.13
N LEU B 137 10.35 -0.81 -12.04
CA LEU B 137 10.51 0.06 -13.20
C LEU B 137 12.00 0.30 -13.50
N ASN B 138 12.84 0.14 -12.49
CA ASN B 138 14.27 0.34 -12.64
C ASN B 138 14.91 -0.95 -13.18
N GLY B 139 14.08 -1.95 -13.48
CA GLY B 139 14.57 -3.23 -14.00
C GLY B 139 15.15 -4.22 -13.00
N GLU B 140 15.08 -3.93 -11.70
CA GLU B 140 15.65 -4.86 -10.71
C GLU B 140 14.76 -6.06 -10.51
N GLU B 141 15.32 -7.09 -9.89
CA GLU B 141 14.58 -8.29 -9.58
C GLU B 141 14.51 -8.29 -8.09
N ILE B 142 13.37 -8.70 -7.55
CA ILE B 142 13.21 -8.72 -6.12
C ILE B 142 13.01 -10.18 -5.70
N ASN B 143 13.92 -10.67 -4.86
CA ASN B 143 13.83 -12.05 -4.36
C ASN B 143 13.19 -12.05 -2.98
N ASN B 144 12.76 -13.22 -2.53
CA ASN B 144 12.11 -13.32 -1.24
C ASN B 144 12.85 -12.68 -0.08
N ASP B 145 14.18 -12.76 -0.09
CA ASP B 145 14.97 -12.15 0.98
C ASP B 145 14.88 -10.63 1.02
N MET B 146 14.97 -10.00 -0.15
CA MET B 146 14.89 -8.55 -0.24
C MET B 146 13.52 -8.10 0.22
N LEU B 147 12.50 -8.82 -0.25
CA LEU B 147 11.13 -8.48 0.08
C LEU B 147 10.92 -8.52 1.58
N VAL B 148 11.33 -9.62 2.19
CA VAL B 148 11.17 -9.81 3.63
C VAL B 148 11.88 -8.70 4.40
N SER B 149 13.07 -8.35 3.95
CA SER B 149 13.87 -7.30 4.58
C SER B 149 13.10 -5.99 4.65
N MET B 150 12.33 -5.69 3.61
CA MET B 150 11.53 -4.48 3.57
C MET B 150 10.46 -4.47 4.65
N LEU B 151 10.01 -5.66 5.05
CA LEU B 151 8.98 -5.78 6.07
C LEU B 151 9.52 -5.85 7.49
N LEU B 152 10.66 -6.52 7.66
CA LEU B 152 11.25 -6.66 8.98
C LEU B 152 11.69 -5.32 9.57
N ASN B 153 11.31 -5.10 10.82
CA ASN B 153 11.68 -3.90 11.54
C ASN B 153 12.98 -4.20 12.30
#